data_4HUG
#
_entry.id   4HUG
#
_cell.length_a   63.829
_cell.length_b   64.638
_cell.length_c   116.286
_cell.angle_alpha   90.00
_cell.angle_beta   90.00
_cell.angle_gamma   90.00
#
_symmetry.space_group_name_H-M   'P 21 21 21'
#
loop_
_entity.id
_entity.type
_entity.pdbx_description
1 polymer 'Ribonuclease H'
2 polymer "DNA (5'-D(*CP*GP*CP*GP*AP*AP*(UCL)P*(UCL)P*CP*GP*CP*G)-3')"
3 non-polymer 'MAGNESIUM ION'
4 non-polymer GLYCEROL
5 non-polymer 1,2-ETHANEDIOL
6 water water
#
loop_
_entity_poly.entity_id
_entity_poly.type
_entity_poly.pdbx_seq_one_letter_code
_entity_poly.pdbx_strand_id
1 'polypeptide(L)'
;EEIIWESLSVDVGSQGNPGIVEYKGVDTKTGEVLFEREPIPIGTNNMGEFLAIVHGLRYLKERNSRKPIYSNSQTAIKWV
KDKKAKSTLVRNEETALIWKLVDEAEEWLNTHTYETPILKWQTDKWGEIKADYG
;
A,B
2 'polydeoxyribonucleotide' (DC)(DG)(DC)(DG)(DA)(DA)(UCL)(UCL)(DC)(DG)(DC)(DG) C,D,E,F
#
loop_
_chem_comp.id
_chem_comp.type
_chem_comp.name
_chem_comp.formula
DA DNA linking 2'-DEOXYADENOSINE-5'-MONOPHOSPHATE 'C10 H14 N5 O6 P'
DC DNA linking 2'-DEOXYCYTIDINE-5'-MONOPHOSPHATE 'C9 H14 N3 O7 P'
DG DNA linking 2'-DEOXYGUANOSINE-5'-MONOPHOSPHATE 'C10 H14 N5 O7 P'
EDO non-polymer 1,2-ETHANEDIOL 'C2 H6 O2'
GOL non-polymer GLYCEROL 'C3 H8 O3'
MG non-polymer 'MAGNESIUM ION' 'Mg 2'
UCL DNA linking '5-CHLORO-2'-DEOXYURIDINE 5'-(DIHYDROGEN PHOSPHATE)' 'C9 H12 Cl N2 O8 P'
#
# COMPACT_ATOMS: atom_id res chain seq x y z
N GLU A 1 12.86 -17.76 -21.55
CA GLU A 1 12.61 -18.42 -20.28
C GLU A 1 11.13 -18.78 -20.13
N GLU A 2 10.87 -19.98 -19.61
CA GLU A 2 9.50 -20.46 -19.49
C GLU A 2 9.09 -20.58 -18.02
N ILE A 3 7.80 -20.54 -17.77
CA ILE A 3 7.26 -20.67 -16.42
C ILE A 3 7.48 -22.08 -15.90
N ILE A 4 7.95 -22.19 -14.67
CA ILE A 4 7.95 -23.46 -13.97
C ILE A 4 6.70 -23.54 -13.09
N TRP A 5 5.70 -24.30 -13.55
CA TRP A 5 4.42 -24.36 -12.85
C TRP A 5 4.51 -25.04 -11.51
N GLU A 6 5.38 -26.03 -11.39
CA GLU A 6 5.61 -26.69 -10.10
C GLU A 6 6.53 -25.81 -9.27
N SER A 7 5.94 -24.77 -8.68
CA SER A 7 6.72 -23.78 -7.96
C SER A 7 5.84 -23.09 -6.93
N LEU A 8 6.46 -22.23 -6.14
CA LEU A 8 5.75 -21.44 -5.13
C LEU A 8 5.91 -19.97 -5.54
N SER A 9 4.84 -19.18 -5.44
CA SER A 9 4.94 -17.76 -5.75
C SER A 9 4.59 -16.95 -4.51
N VAL A 10 5.30 -15.85 -4.28
CA VAL A 10 5.03 -15.00 -3.11
C VAL A 10 4.75 -13.56 -3.54
N ASP A 11 4.00 -12.84 -2.72
CA ASP A 11 3.77 -11.42 -2.96
C ASP A 11 3.28 -10.78 -1.67
N VAL A 12 3.36 -9.45 -1.64
CA VAL A 12 3.00 -8.65 -0.48
C VAL A 12 1.71 -7.93 -0.76
N GLY A 13 0.88 -7.81 0.28
CA GLY A 13 -0.25 -6.91 0.22
C GLY A 13 0.06 -5.74 1.13
N SER A 14 0.16 -4.55 0.53
CA SER A 14 0.50 -3.35 1.28
C SER A 14 -0.74 -2.49 1.53
N GLN A 15 -0.71 -1.71 2.60
CA GLN A 15 -1.66 -0.62 2.74
C GLN A 15 -0.79 0.58 2.99
N GLY A 16 -0.28 1.14 1.89
CA GLY A 16 0.73 2.17 1.92
C GLY A 16 2.17 1.65 1.89
N ASN A 17 3.10 2.53 1.52
CA ASN A 17 4.54 2.23 1.53
C ASN A 17 5.34 3.43 2.01
N PRO A 18 5.80 3.41 3.27
CA PRO A 18 5.59 2.35 4.28
C PRO A 18 4.15 2.33 4.75
N GLY A 19 3.75 1.17 5.28
CA GLY A 19 2.40 0.99 5.74
C GLY A 19 2.25 -0.42 6.24
N ILE A 20 1.00 -0.86 6.42
CA ILE A 20 0.74 -2.23 6.85
C ILE A 20 1.27 -3.19 5.78
N VAL A 21 1.91 -4.25 6.23
CA VAL A 21 2.49 -5.24 5.33
C VAL A 21 1.94 -6.61 5.66
N GLU A 22 1.38 -7.31 4.68
CA GLU A 22 1.13 -8.75 4.84
C GLU A 22 1.70 -9.47 3.63
N TYR A 23 1.86 -10.79 3.73
CA TYR A 23 2.30 -11.53 2.54
C TYR A 23 1.78 -12.95 2.55
N LYS A 24 1.87 -13.59 1.41
CA LYS A 24 1.52 -14.99 1.35
C LYS A 24 2.30 -15.71 0.27
N GLY A 25 2.30 -17.04 0.38
CA GLY A 25 2.95 -17.89 -0.59
C GLY A 25 1.91 -18.86 -1.11
N VAL A 26 1.82 -18.99 -2.43
CA VAL A 26 0.81 -19.87 -3.03
C VAL A 26 1.42 -20.83 -4.02
N ASP A 27 0.74 -21.96 -4.23
CA ASP A 27 1.14 -22.88 -5.28
C ASP A 27 0.89 -22.19 -6.62
N THR A 28 1.93 -22.10 -7.46
CA THR A 28 1.86 -21.35 -8.70
C THR A 28 0.84 -21.98 -9.65
N LYS A 29 0.73 -23.30 -9.57
CA LYS A 29 -0.17 -24.04 -10.45
C LYS A 29 -1.62 -23.99 -9.96
N THR A 30 -1.83 -24.31 -8.69
CA THR A 30 -3.18 -24.51 -8.16
C THR A 30 -3.76 -23.30 -7.45
N GLY A 31 -2.89 -22.42 -6.96
CA GLY A 31 -3.34 -21.24 -6.25
C GLY A 31 -3.57 -21.49 -4.78
N GLU A 32 -3.34 -22.72 -4.34
CA GLU A 32 -3.49 -23.07 -2.94
C GLU A 32 -2.60 -22.15 -2.11
N VAL A 33 -3.17 -21.52 -1.10
CA VAL A 33 -2.37 -20.72 -0.19
C VAL A 33 -1.60 -21.63 0.77
N LEU A 34 -0.27 -21.55 0.72
CA LEU A 34 0.57 -22.47 1.50
C LEU A 34 0.99 -21.88 2.84
N PHE A 35 1.19 -20.57 2.87
CA PHE A 35 1.47 -19.86 4.11
C PHE A 35 1.06 -18.40 3.98
N GLU A 36 0.75 -17.77 5.11
CA GLU A 36 0.41 -16.35 5.13
C GLU A 36 1.00 -15.71 6.36
N ARG A 37 1.32 -14.43 6.27
CA ARG A 37 1.69 -13.65 7.44
C ARG A 37 0.63 -12.59 7.63
N GLU A 38 0.04 -12.57 8.83
CA GLU A 38 -0.95 -11.56 9.17
C GLU A 38 -0.36 -10.16 9.14
N PRO A 39 -1.21 -9.14 8.98
CA PRO A 39 -0.72 -7.76 8.85
C PRO A 39 0.24 -7.28 9.93
N ILE A 40 1.39 -6.81 9.48
CA ILE A 40 2.41 -6.20 10.32
C ILE A 40 2.14 -4.71 10.26
N PRO A 41 2.00 -4.06 11.43
CA PRO A 41 1.42 -2.71 11.43
C PRO A 41 2.17 -1.67 10.59
N ILE A 42 3.50 -1.75 10.53
CA ILE A 42 4.23 -0.90 9.58
C ILE A 42 5.51 -1.53 9.07
N GLY A 43 5.73 -1.40 7.76
CA GLY A 43 6.96 -1.82 7.14
C GLY A 43 6.99 -1.31 5.71
N THR A 44 8.07 -1.56 5.01
CA THR A 44 8.12 -1.20 3.59
C THR A 44 7.73 -2.40 2.76
N ASN A 45 7.26 -2.14 1.54
CA ASN A 45 6.94 -3.23 0.65
C ASN A 45 8.14 -4.15 0.39
N ASN A 46 9.31 -3.54 0.21
CA ASN A 46 10.54 -4.31 0.02
C ASN A 46 10.83 -5.25 1.18
N MET A 47 10.66 -4.75 2.40
CA MET A 47 10.88 -5.59 3.59
C MET A 47 9.94 -6.77 3.58
N GLY A 48 8.69 -6.50 3.23
CA GLY A 48 7.71 -7.57 3.16
C GLY A 48 8.06 -8.59 2.10
N GLU A 49 8.56 -8.15 0.95
CA GLU A 49 8.91 -9.09 -0.12
C GLU A 49 10.10 -9.95 0.31
N PHE A 50 11.01 -9.35 1.07
CA PHE A 50 12.18 -10.06 1.59
C PHE A 50 11.70 -11.14 2.55
N LEU A 51 10.84 -10.76 3.50
CA LEU A 51 10.29 -11.73 4.47
C LEU A 51 9.55 -12.85 3.75
N ALA A 52 8.80 -12.50 2.70
CA ALA A 52 8.01 -13.53 2.01
C ALA A 52 8.88 -14.59 1.35
N ILE A 53 9.98 -14.18 0.73
CA ILE A 53 10.90 -15.14 0.13
C ILE A 53 11.53 -16.02 1.20
N VAL A 54 12.01 -15.40 2.29
CA VAL A 54 12.66 -16.20 3.33
C VAL A 54 11.68 -17.18 3.96
N HIS A 55 10.45 -16.75 4.19
CA HIS A 55 9.42 -17.64 4.71
C HIS A 55 9.25 -18.83 3.77
N GLY A 56 9.20 -18.54 2.47
CA GLY A 56 9.14 -19.58 1.46
C GLY A 56 10.31 -20.54 1.53
N LEU A 57 11.52 -20.02 1.70
CA LEU A 57 12.69 -20.89 1.80
C LEU A 57 12.57 -21.81 3.01
N ARG A 58 12.13 -21.26 4.13
CA ARG A 58 12.00 -22.07 5.34
CA ARG A 58 11.99 -22.05 5.35
C ARG A 58 10.90 -23.11 5.19
N TYR A 59 9.78 -22.71 4.57
CA TYR A 59 8.67 -23.63 4.30
C TYR A 59 9.12 -24.78 3.42
N LEU A 60 9.81 -24.48 2.32
CA LEU A 60 10.21 -25.51 1.38
C LEU A 60 11.29 -26.39 1.96
N LYS A 61 12.18 -25.80 2.75
CA LYS A 61 13.23 -26.61 3.39
C LYS A 61 12.61 -27.61 4.37
N GLU A 62 11.63 -27.17 5.15
CA GLU A 62 11.01 -28.04 6.16
C GLU A 62 10.35 -29.23 5.49
N ARG A 63 9.80 -29.01 4.31
CA ARG A 63 9.08 -30.06 3.59
C ARG A 63 9.96 -30.83 2.63
N ASN A 64 11.24 -30.49 2.60
CA ASN A 64 12.22 -31.11 1.71
C ASN A 64 11.80 -31.01 0.23
N SER A 65 11.26 -29.86 -0.15
CA SER A 65 10.78 -29.65 -1.50
C SER A 65 11.86 -29.02 -2.36
N ARG A 66 11.94 -29.43 -3.62
CA ARG A 66 12.90 -28.84 -4.55
C ARG A 66 12.27 -27.77 -5.44
N LYS A 67 11.01 -27.43 -5.18
CA LYS A 67 10.33 -26.40 -5.98
C LYS A 67 11.02 -25.05 -5.89
N PRO A 68 11.08 -24.30 -7.00
CA PRO A 68 11.59 -22.94 -6.94
C PRO A 68 10.57 -21.96 -6.38
N ILE A 69 11.04 -20.77 -6.03
CA ILE A 69 10.18 -19.68 -5.55
C ILE A 69 10.23 -18.58 -6.59
N TYR A 70 9.05 -18.05 -6.92
CA TYR A 70 8.97 -16.86 -7.77
C TYR A 70 8.62 -15.64 -6.93
N SER A 71 9.33 -14.53 -7.17
CA SER A 71 9.00 -13.25 -6.56
C SER A 71 9.02 -12.23 -7.67
N ASN A 72 8.17 -11.21 -7.60
CA ASN A 72 8.25 -10.15 -8.60
CA ASN A 72 8.19 -10.12 -8.57
C ASN A 72 9.10 -8.97 -8.12
N SER A 73 9.82 -9.17 -7.03
CA SER A 73 10.62 -8.09 -6.47
C SER A 73 12.11 -8.31 -6.71
N GLN A 74 12.67 -7.64 -7.70
CA GLN A 74 14.09 -7.77 -7.98
C GLN A 74 14.91 -7.33 -6.77
N THR A 75 14.42 -6.34 -6.03
CA THR A 75 15.14 -5.84 -4.87
C THR A 75 15.20 -6.92 -3.79
N ALA A 76 14.06 -7.51 -3.47
CA ALA A 76 14.03 -8.54 -2.43
C ALA A 76 14.86 -9.75 -2.81
N ILE A 77 14.84 -10.14 -4.08
CA ILE A 77 15.64 -11.26 -4.55
C ILE A 77 17.12 -10.96 -4.28
N LYS A 78 17.54 -9.74 -4.62
CA LYS A 78 18.93 -9.37 -4.38
C LYS A 78 19.28 -9.39 -2.90
N TRP A 79 18.40 -8.86 -2.06
CA TRP A 79 18.63 -8.87 -0.62
C TRP A 79 18.79 -10.30 -0.10
N VAL A 80 17.94 -11.22 -0.56
CA VAL A 80 18.04 -12.60 -0.09
C VAL A 80 19.35 -13.22 -0.53
N LYS A 81 19.70 -13.00 -1.80
CA LYS A 81 20.95 -13.57 -2.31
C LYS A 81 22.18 -12.96 -1.66
N ASP A 82 22.11 -11.68 -1.31
CA ASP A 82 23.19 -11.01 -0.56
C ASP A 82 23.21 -11.39 0.92
N LYS A 83 22.15 -12.07 1.38
CA LYS A 83 21.91 -12.28 2.81
C LYS A 83 21.96 -10.98 3.62
N LYS A 84 21.44 -9.91 3.02
CA LYS A 84 21.48 -8.60 3.67
C LYS A 84 20.33 -7.74 3.16
N ALA A 85 19.41 -7.39 4.06
CA ALA A 85 18.28 -6.53 3.68
C ALA A 85 18.64 -5.05 3.81
N LYS A 86 18.94 -4.42 2.67
CA LYS A 86 19.43 -3.04 2.70
C LYS A 86 18.29 -2.02 2.77
N SER A 87 17.48 -2.12 3.82
CA SER A 87 16.37 -1.19 4.05
C SER A 87 16.82 0.08 4.76
N THR A 88 16.21 1.19 4.39
CA THR A 88 16.48 2.49 5.00
C THR A 88 15.45 2.84 6.06
N LEU A 89 14.49 1.95 6.31
CA LEU A 89 13.40 2.27 7.23
C LEU A 89 13.94 2.54 8.63
N VAL A 90 13.51 3.64 9.23
CA VAL A 90 13.96 4.00 10.57
C VAL A 90 13.67 2.87 11.55
N ARG A 91 14.58 2.65 12.49
CA ARG A 91 14.34 1.71 13.57
C ARG A 91 13.81 2.46 14.78
N ASN A 92 12.52 2.33 15.04
CA ASN A 92 11.93 2.86 16.27
C ASN A 92 10.90 1.89 16.84
N GLU A 93 10.17 2.33 17.85
CA GLU A 93 9.17 1.48 18.50
C GLU A 93 8.10 1.06 17.50
N GLU A 94 7.72 1.99 16.63
CA GLU A 94 6.70 1.74 15.62
C GLU A 94 7.13 0.64 14.64
N THR A 95 8.40 0.66 14.26
CA THR A 95 8.91 -0.27 13.24
C THR A 95 9.63 -1.46 13.87
N ALA A 96 9.53 -1.59 15.19
CA ALA A 96 10.21 -2.67 15.91
C ALA A 96 9.87 -4.07 15.38
N LEU A 97 8.59 -4.33 15.10
CA LEU A 97 8.18 -5.66 14.65
C LEU A 97 8.74 -6.02 13.28
N ILE A 98 8.58 -5.14 12.30
CA ILE A 98 9.09 -5.47 10.97
C ILE A 98 10.60 -5.68 11.03
N TRP A 99 11.30 -4.88 11.84
CA TRP A 99 12.74 -5.01 11.92
C TRP A 99 13.15 -6.27 12.66
N LYS A 100 12.36 -6.69 13.65
CA LYS A 100 12.63 -7.96 14.33
C LYS A 100 12.53 -9.11 13.34
N LEU A 101 11.49 -9.08 12.51
CA LEU A 101 11.31 -10.14 11.53
C LEU A 101 12.42 -10.11 10.47
N VAL A 102 12.79 -8.92 10.01
CA VAL A 102 13.85 -8.82 9.02
C VAL A 102 15.16 -9.32 9.60
N ASP A 103 15.48 -8.87 10.81
CA ASP A 103 16.72 -9.29 11.45
C ASP A 103 16.76 -10.81 11.62
N GLU A 104 15.63 -11.40 11.99
CA GLU A 104 15.55 -12.84 12.17
C GLU A 104 15.65 -13.60 10.85
N ALA A 105 15.08 -13.03 9.79
CA ALA A 105 15.21 -13.62 8.45
C ALA A 105 16.66 -13.59 7.97
N GLU A 106 17.35 -12.48 8.20
CA GLU A 106 18.77 -12.40 7.90
C GLU A 106 19.54 -13.43 8.68
N GLU A 107 19.22 -13.55 9.96
CA GLU A 107 19.92 -14.53 10.80
C GLU A 107 19.71 -15.94 10.25
N TRP A 108 18.48 -16.23 9.80
CA TRP A 108 18.20 -17.53 9.22
C TRP A 108 19.08 -17.76 7.99
N LEU A 109 19.14 -16.78 7.09
CA LEU A 109 19.92 -16.94 5.87
C LEU A 109 21.40 -17.15 6.18
N ASN A 110 21.90 -16.46 7.20
CA ASN A 110 23.33 -16.58 7.52
C ASN A 110 23.71 -17.85 8.28
N THR A 111 22.71 -18.63 8.69
CA THR A 111 22.94 -19.85 9.47
C THR A 111 22.36 -21.10 8.82
N HIS A 112 21.90 -20.98 7.57
CA HIS A 112 21.34 -22.14 6.88
C HIS A 112 21.78 -22.16 5.42
N THR A 113 21.74 -23.36 4.83
CA THR A 113 21.87 -23.48 3.39
C THR A 113 20.50 -23.86 2.85
N TYR A 114 20.32 -23.72 1.53
CA TYR A 114 19.06 -24.11 0.91
C TYR A 114 19.28 -24.42 -0.55
N GLU A 115 18.40 -25.24 -1.12
CA GLU A 115 18.56 -25.62 -2.53
C GLU A 115 17.60 -24.92 -3.46
N THR A 116 16.63 -24.22 -2.89
CA THR A 116 15.55 -23.58 -3.65
C THR A 116 16.07 -22.53 -4.64
N PRO A 117 15.78 -22.70 -5.94
CA PRO A 117 16.09 -21.60 -6.86
C PRO A 117 15.14 -20.43 -6.62
N ILE A 118 15.66 -19.22 -6.60
CA ILE A 118 14.82 -18.03 -6.40
C ILE A 118 14.78 -17.30 -7.73
N LEU A 119 13.59 -17.24 -8.32
CA LEU A 119 13.43 -16.78 -9.71
C LEU A 119 12.59 -15.52 -9.77
N LYS A 120 12.87 -14.68 -10.76
CA LYS A 120 12.11 -13.45 -10.95
C LYS A 120 10.86 -13.73 -11.77
N TRP A 121 9.70 -13.39 -11.23
CA TRP A 121 8.46 -13.51 -11.96
C TRP A 121 8.41 -12.39 -12.97
N GLN A 122 8.11 -12.72 -14.22
CA GLN A 122 8.11 -11.75 -15.31
CA GLN A 122 8.11 -11.69 -15.27
C GLN A 122 6.68 -11.33 -15.65
N THR A 123 6.16 -10.32 -14.95
CA THR A 123 4.78 -9.89 -15.10
C THR A 123 4.47 -9.47 -16.53
N ASP A 124 5.44 -8.80 -17.17
CA ASP A 124 5.21 -8.32 -18.53
CA ASP A 124 5.26 -8.32 -18.54
C ASP A 124 5.07 -9.47 -19.52
N LYS A 125 5.63 -10.63 -19.18
CA LYS A 125 5.48 -11.81 -20.02
C LYS A 125 4.30 -12.70 -19.61
N TRP A 126 4.12 -12.86 -18.31
CA TRP A 126 3.27 -13.93 -17.77
C TRP A 126 2.03 -13.48 -17.02
N GLY A 127 1.79 -12.17 -16.93
CA GLY A 127 0.63 -11.67 -16.22
C GLY A 127 0.90 -11.59 -14.72
N GLU A 128 -0.15 -11.43 -13.93
CA GLU A 128 0.06 -11.21 -12.52
CA GLU A 128 -0.06 -11.25 -12.48
C GLU A 128 0.62 -12.44 -11.81
N ILE A 129 1.45 -12.18 -10.81
CA ILE A 129 1.96 -13.28 -10.01
C ILE A 129 0.78 -13.89 -9.24
N LYS A 130 0.81 -15.21 -9.04
CA LYS A 130 -0.33 -15.96 -8.53
C LYS A 130 -0.70 -15.55 -7.11
N ALA A 131 0.28 -15.01 -6.39
CA ALA A 131 0.07 -14.58 -5.00
C ALA A 131 -0.41 -13.13 -4.89
N ASP A 132 -0.66 -12.47 -6.01
CA ASP A 132 -1.10 -11.07 -6.01
C ASP A 132 -2.35 -10.86 -5.16
N TYR A 133 -2.37 -9.79 -4.38
CA TYR A 133 -3.52 -9.50 -3.53
C TYR A 133 -4.66 -8.85 -4.30
N GLY A 134 -4.36 -8.33 -5.48
CA GLY A 134 -5.42 -7.75 -6.32
C GLY A 134 -5.97 -6.44 -5.81
N GLU B 1 11.02 16.21 -0.56
CA GLU B 1 11.04 17.67 -0.56
C GLU B 1 11.28 18.20 -1.97
N GLU B 2 11.13 17.30 -2.92
CA GLU B 2 10.90 17.71 -4.29
C GLU B 2 9.44 17.39 -4.59
N ILE B 3 8.78 18.24 -5.35
CA ILE B 3 7.42 17.95 -5.76
C ILE B 3 7.42 16.85 -6.82
N ILE B 4 6.49 15.92 -6.69
CA ILE B 4 6.30 14.88 -7.68
C ILE B 4 5.17 15.32 -8.61
N TRP B 5 5.51 15.72 -9.82
CA TRP B 5 4.53 16.28 -10.73
C TRP B 5 3.53 15.25 -11.22
N GLU B 6 4.01 14.02 -11.44
CA GLU B 6 3.16 12.93 -11.87
C GLU B 6 2.40 12.37 -10.68
N SER B 7 1.41 13.14 -10.24
CA SER B 7 0.68 12.83 -9.03
C SER B 7 -0.74 13.34 -9.13
N LEU B 8 -1.54 13.03 -8.13
CA LEU B 8 -2.91 13.51 -8.02
C LEU B 8 -2.99 14.36 -6.75
N SER B 9 -3.66 15.51 -6.81
CA SER B 9 -3.80 16.35 -5.63
C SER B 9 -5.27 16.46 -5.28
N VAL B 10 -5.58 16.44 -3.98
CA VAL B 10 -6.97 16.59 -3.58
C VAL B 10 -7.17 17.89 -2.81
N ASP B 11 -8.31 18.53 -3.04
CA ASP B 11 -8.61 19.68 -2.21
C ASP B 11 -10.07 19.69 -1.86
N VAL B 12 -10.35 20.27 -0.71
CA VAL B 12 -11.67 20.25 -0.15
C VAL B 12 -12.07 21.71 -0.07
N GLY B 13 -13.31 21.99 -0.40
CA GLY B 13 -13.86 23.32 -0.17
C GLY B 13 -14.90 23.19 0.93
N SER B 14 -14.82 24.07 1.92
CA SER B 14 -15.81 24.09 2.99
C SER B 14 -16.49 25.45 3.04
N GLN B 15 -17.79 25.43 3.26
CA GLN B 15 -18.52 26.64 3.60
C GLN B 15 -18.95 26.50 5.06
N GLY B 16 -18.08 26.92 5.96
CA GLY B 16 -18.28 26.69 7.38
C GLY B 16 -17.70 25.34 7.77
N ASN B 17 -17.27 25.26 9.03
CA ASN B 17 -16.74 24.02 9.59
C ASN B 17 -17.29 23.82 11.00
N PRO B 18 -18.32 22.95 11.15
CA PRO B 18 -18.95 22.12 10.12
C PRO B 18 -19.80 22.94 9.18
N GLY B 19 -19.94 22.47 7.95
CA GLY B 19 -20.73 23.16 6.95
C GLY B 19 -20.81 22.34 5.68
N ILE B 20 -21.17 23.00 4.57
CA ILE B 20 -21.19 22.34 3.27
C ILE B 20 -19.77 21.96 2.86
N VAL B 21 -19.59 20.71 2.46
CA VAL B 21 -18.25 20.25 2.09
C VAL B 21 -18.26 19.59 0.71
N GLU B 22 -17.25 19.90 -0.09
CA GLU B 22 -17.11 19.26 -1.39
C GLU B 22 -15.64 19.03 -1.61
N TYR B 23 -15.28 18.19 -2.58
CA TYR B 23 -13.87 18.01 -2.89
C TYR B 23 -13.69 17.64 -4.33
N LYS B 24 -12.45 17.77 -4.80
CA LYS B 24 -12.12 17.19 -6.09
C LYS B 24 -10.69 16.70 -6.12
N GLY B 25 -10.42 15.80 -7.05
CA GLY B 25 -9.06 15.35 -7.26
C GLY B 25 -8.60 15.85 -8.61
N VAL B 26 -7.39 16.39 -8.67
CA VAL B 26 -6.89 17.00 -9.89
C VAL B 26 -5.50 16.48 -10.23
N ASP B 27 -5.17 16.51 -11.52
CA ASP B 27 -3.82 16.20 -11.96
C ASP B 27 -2.91 17.35 -11.51
N THR B 28 -1.89 17.03 -10.73
CA THR B 28 -1.03 18.03 -10.11
C THR B 28 -0.32 18.89 -11.16
N LYS B 29 -0.01 18.25 -12.29
CA LYS B 29 0.74 18.88 -13.36
C LYS B 29 -0.15 19.82 -14.17
N THR B 30 -1.29 19.31 -14.64
CA THR B 30 -2.15 20.05 -15.55
C THR B 30 -3.28 20.82 -14.86
N GLY B 31 -3.71 20.37 -13.68
CA GLY B 31 -4.82 21.01 -13.01
C GLY B 31 -6.15 20.44 -13.44
N GLU B 32 -6.10 19.46 -14.34
CA GLU B 32 -7.29 18.79 -14.87
C GLU B 32 -8.07 18.08 -13.76
N VAL B 33 -9.38 18.29 -13.71
CA VAL B 33 -10.23 17.64 -12.70
C VAL B 33 -10.46 16.17 -13.08
N LEU B 34 -10.06 15.26 -12.19
CA LEU B 34 -10.12 13.84 -12.48
C LEU B 34 -11.31 13.16 -11.81
N PHE B 35 -11.72 13.69 -10.65
CA PHE B 35 -12.94 13.26 -9.99
C PHE B 35 -13.44 14.39 -9.12
N GLU B 36 -14.73 14.37 -8.84
CA GLU B 36 -15.33 15.44 -8.06
C GLU B 36 -16.48 14.88 -7.24
N ARG B 37 -16.77 15.56 -6.13
CA ARG B 37 -17.82 15.18 -5.23
C ARG B 37 -18.79 16.34 -5.14
N GLU B 38 -20.06 16.09 -5.42
CA GLU B 38 -21.11 17.10 -5.21
C GLU B 38 -21.18 17.52 -3.75
N PRO B 39 -21.47 18.81 -3.50
CA PRO B 39 -21.52 19.32 -2.12
C PRO B 39 -22.39 18.49 -1.19
N ILE B 40 -21.84 18.19 -0.02
CA ILE B 40 -22.54 17.49 1.05
C ILE B 40 -22.97 18.57 2.04
N PRO B 41 -24.28 18.62 2.36
CA PRO B 41 -24.84 19.74 3.15
C PRO B 41 -24.14 20.00 4.48
N ILE B 42 -23.79 18.94 5.21
CA ILE B 42 -23.09 19.12 6.49
C ILE B 42 -22.00 18.08 6.69
N GLY B 43 -20.78 18.53 6.91
CA GLY B 43 -19.66 17.65 7.26
C GLY B 43 -18.57 18.54 7.81
N THR B 44 -17.48 17.95 8.30
CA THR B 44 -16.35 18.73 8.74
C THR B 44 -15.30 18.78 7.65
N ASN B 45 -14.38 19.75 7.75
CA ASN B 45 -13.30 19.84 6.80
CA ASN B 45 -13.27 19.84 6.81
C ASN B 45 -12.46 18.56 6.78
N ASN B 46 -12.12 18.08 7.96
CA ASN B 46 -11.35 16.84 8.06
C ASN B 46 -12.06 15.66 7.43
N MET B 47 -13.38 15.56 7.62
CA MET B 47 -14.10 14.45 6.99
C MET B 47 -14.01 14.56 5.48
N GLY B 48 -14.12 15.77 4.95
CA GLY B 48 -13.98 15.97 3.52
C GLY B 48 -12.63 15.58 3.00
N GLU B 49 -11.57 15.97 3.73
CA GLU B 49 -10.20 15.64 3.35
C GLU B 49 -9.97 14.12 3.36
N PHE B 50 -10.54 13.46 4.36
CA PHE B 50 -10.47 12.00 4.48
C PHE B 50 -11.18 11.33 3.29
N LEU B 51 -12.40 11.74 3.01
CA LEU B 51 -13.11 11.18 1.85
C LEU B 51 -12.36 11.38 0.55
N ALA B 52 -11.75 12.56 0.39
CA ALA B 52 -11.07 12.89 -0.84
C ALA B 52 -9.86 11.98 -1.08
N ILE B 53 -9.11 11.70 -0.01
CA ILE B 53 -7.96 10.80 -0.14
C ILE B 53 -8.43 9.40 -0.50
N VAL B 54 -9.46 8.90 0.20
CA VAL B 54 -9.92 7.54 -0.08
C VAL B 54 -10.50 7.44 -1.49
N HIS B 55 -11.22 8.47 -1.93
CA HIS B 55 -11.72 8.51 -3.30
C HIS B 55 -10.55 8.43 -4.26
N GLY B 56 -9.48 9.17 -3.95
CA GLY B 56 -8.26 9.12 -4.75
C GLY B 56 -7.61 7.75 -4.80
N LEU B 57 -7.55 7.08 -3.65
CA LEU B 57 -7.00 5.72 -3.59
C LEU B 57 -7.79 4.77 -4.48
N ARG B 58 -9.12 4.90 -4.45
CA ARG B 58 -9.99 4.01 -5.23
C ARG B 58 -9.87 4.34 -6.71
N TYR B 59 -9.86 5.62 -7.03
CA TYR B 59 -9.67 6.08 -8.41
C TYR B 59 -8.36 5.55 -8.99
N LEU B 60 -7.26 5.70 -8.25
CA LEU B 60 -5.96 5.29 -8.75
C LEU B 60 -5.86 3.78 -8.84
N LYS B 61 -6.49 3.07 -7.91
CA LYS B 61 -6.46 1.61 -7.95
C LYS B 61 -7.21 1.09 -9.18
N GLU B 62 -8.38 1.65 -9.46
CA GLU B 62 -9.18 1.25 -10.63
C GLU B 62 -8.40 1.47 -11.92
N ARG B 63 -7.65 2.57 -11.91
CA ARG B 63 -6.89 3.01 -13.08
CA ARG B 63 -6.87 3.00 -13.07
C ARG B 63 -5.56 2.25 -13.19
N ASN B 64 -5.17 1.58 -12.11
CA ASN B 64 -3.86 0.94 -11.99
C ASN B 64 -2.74 1.95 -12.19
N SER B 65 -2.94 3.15 -11.63
CA SER B 65 -1.95 4.21 -11.72
C SER B 65 -1.05 4.27 -10.49
N ARG B 66 0.24 4.50 -10.73
CA ARG B 66 1.22 4.65 -9.66
C ARG B 66 1.35 6.07 -9.10
N LYS B 67 0.50 6.99 -9.55
CA LYS B 67 0.52 8.37 -9.04
CA LYS B 67 0.56 8.36 -9.04
C LYS B 67 0.45 8.42 -7.51
N PRO B 68 1.32 9.21 -6.87
CA PRO B 68 1.06 9.52 -5.47
C PRO B 68 -0.13 10.47 -5.34
N ILE B 69 -0.69 10.55 -4.13
CA ILE B 69 -1.73 11.53 -3.82
C ILE B 69 -1.13 12.60 -2.92
N TYR B 70 -1.38 13.87 -3.24
CA TYR B 70 -1.05 14.95 -2.31
C TYR B 70 -2.30 15.44 -1.60
N SER B 71 -2.17 15.65 -0.30
CA SER B 71 -3.24 16.23 0.53
C SER B 71 -2.61 17.29 1.40
N ASN B 72 -3.35 18.36 1.68
CA ASN B 72 -2.83 19.39 2.56
C ASN B 72 -3.22 19.14 4.02
N SER B 73 -3.87 18.00 4.29
CA SER B 73 -4.40 17.72 5.63
C SER B 73 -3.63 16.64 6.36
N GLN B 74 -2.75 17.03 7.28
CA GLN B 74 -2.04 16.02 8.05
C GLN B 74 -3.00 15.13 8.86
N THR B 75 -4.11 15.71 9.33
CA THR B 75 -5.11 14.93 10.07
C THR B 75 -5.72 13.81 9.21
N ALA B 76 -6.14 14.18 8.01
CA ALA B 76 -6.74 13.21 7.11
C ALA B 76 -5.75 12.12 6.71
N ILE B 77 -4.49 12.51 6.48
CA ILE B 77 -3.45 11.54 6.16
C ILE B 77 -3.30 10.52 7.28
N LYS B 78 -3.34 11.00 8.53
CA LYS B 78 -3.23 10.09 9.67
C LYS B 78 -4.46 9.20 9.76
N TRP B 79 -5.63 9.76 9.51
CA TRP B 79 -6.85 8.96 9.60
C TRP B 79 -6.83 7.83 8.59
N VAL B 80 -6.33 8.12 7.38
CA VAL B 80 -6.25 7.07 6.36
C VAL B 80 -5.28 5.98 6.81
N LYS B 81 -4.13 6.39 7.33
CA LYS B 81 -3.14 5.42 7.82
C LYS B 81 -3.72 4.57 8.95
N ASP B 82 -4.46 5.21 9.85
CA ASP B 82 -5.10 4.49 10.97
C ASP B 82 -6.31 3.68 10.55
N LYS B 83 -6.79 3.88 9.33
CA LYS B 83 -8.08 3.32 8.89
C LYS B 83 -9.24 3.70 9.80
N LYS B 84 -9.18 4.91 10.35
CA LYS B 84 -10.16 5.33 11.33
C LYS B 84 -10.26 6.85 11.31
N ALA B 85 -11.42 7.35 10.88
CA ALA B 85 -11.67 8.78 10.86
C ALA B 85 -12.14 9.21 12.23
N LYS B 86 -11.23 9.79 13.02
CA LYS B 86 -11.52 10.12 14.40
C LYS B 86 -12.26 11.46 14.50
N SER B 87 -13.42 11.53 13.85
CA SER B 87 -14.23 12.75 13.87
C SER B 87 -15.12 12.79 15.11
N THR B 88 -15.30 14.01 15.63
CA THR B 88 -16.15 14.27 16.78
C THR B 88 -17.53 14.75 16.34
N LEU B 89 -17.77 14.79 15.03
CA LEU B 89 -19.04 15.31 14.53
C LEU B 89 -20.19 14.48 15.04
N VAL B 90 -21.21 15.16 15.56
CA VAL B 90 -22.37 14.45 16.09
C VAL B 90 -22.99 13.57 14.99
N ARG B 91 -23.41 12.37 15.37
CA ARG B 91 -24.15 11.51 14.46
C ARG B 91 -25.64 11.74 14.65
N ASN B 92 -26.24 12.48 13.73
CA ASN B 92 -27.70 12.62 13.72
C ASN B 92 -28.25 12.55 12.29
N GLU B 93 -29.47 13.03 12.11
CA GLU B 93 -30.16 12.92 10.84
C GLU B 93 -29.53 13.86 9.81
N GLU B 94 -29.06 15.01 10.28
CA GLU B 94 -28.45 16.01 9.41
C GLU B 94 -27.05 15.57 8.96
N THR B 95 -26.38 14.79 9.79
CA THR B 95 -25.01 14.37 9.48
C THR B 95 -24.98 12.93 9.03
N ALA B 96 -26.15 12.36 8.77
CA ALA B 96 -26.23 10.95 8.36
C ALA B 96 -25.46 10.66 7.07
N LEU B 97 -25.57 11.56 6.09
CA LEU B 97 -24.92 11.29 4.79
C LEU B 97 -23.40 11.29 4.91
N ILE B 98 -22.84 12.31 5.54
CA ILE B 98 -21.38 12.38 5.65
C ILE B 98 -20.84 11.19 6.44
N TRP B 99 -21.56 10.79 7.49
CA TRP B 99 -21.13 9.66 8.28
C TRP B 99 -21.25 8.35 7.51
N LYS B 100 -22.29 8.21 6.70
CA LYS B 100 -22.41 7.02 5.86
C LYS B 100 -21.21 6.90 4.92
N LEU B 101 -20.85 8.01 4.28
CA LEU B 101 -19.72 8.01 3.34
C LEU B 101 -18.40 7.76 4.09
N VAL B 102 -18.25 8.35 5.26
CA VAL B 102 -17.05 8.10 6.06
C VAL B 102 -16.95 6.65 6.51
N ASP B 103 -18.05 6.07 6.95
CA ASP B 103 -18.07 4.67 7.35
C ASP B 103 -17.67 3.79 6.16
N GLU B 104 -18.17 4.11 4.98
CA GLU B 104 -17.89 3.31 3.80
C GLU B 104 -16.46 3.47 3.32
N ALA B 105 -15.89 4.65 3.53
CA ALA B 105 -14.49 4.89 3.20
C ALA B 105 -13.59 4.07 4.12
N GLU B 106 -13.94 4.01 5.41
CA GLU B 106 -13.22 3.13 6.34
C GLU B 106 -13.32 1.69 5.92
N GLU B 107 -14.52 1.26 5.52
CA GLU B 107 -14.68 -0.13 5.09
C GLU B 107 -13.84 -0.41 3.85
N TRP B 108 -13.74 0.56 2.94
CA TRP B 108 -12.90 0.35 1.76
C TRP B 108 -11.45 0.14 2.20
N LEU B 109 -10.98 1.00 3.10
CA LEU B 109 -9.62 0.87 3.61
C LEU B 109 -9.38 -0.46 4.30
N ASN B 110 -10.40 -0.95 5.01
CA ASN B 110 -10.28 -2.20 5.74
C ASN B 110 -10.26 -3.43 4.85
N THR B 111 -10.64 -3.26 3.57
CA THR B 111 -10.79 -4.41 2.67
C THR B 111 -9.96 -4.34 1.38
N HIS B 112 -9.10 -3.34 1.26
CA HIS B 112 -8.28 -3.22 0.06
C HIS B 112 -6.83 -2.96 0.39
N THR B 113 -5.96 -3.42 -0.50
CA THR B 113 -4.56 -3.05 -0.42
C THR B 113 -4.29 -1.94 -1.43
N TYR B 114 -3.21 -1.20 -1.21
CA TYR B 114 -2.79 -0.14 -2.13
C TYR B 114 -1.33 0.19 -1.84
N GLU B 115 -0.60 0.65 -2.86
CA GLU B 115 0.78 1.09 -2.66
CA GLU B 115 0.77 1.09 -2.60
C GLU B 115 0.94 2.60 -2.80
N THR B 116 -0.16 3.27 -3.15
CA THR B 116 -0.14 4.72 -3.38
C THR B 116 0.49 5.48 -2.24
N PRO B 117 1.57 6.25 -2.52
CA PRO B 117 2.14 7.14 -1.52
C PRO B 117 1.17 8.31 -1.26
N ILE B 118 0.95 8.63 0.00
CA ILE B 118 0.03 9.71 0.36
C ILE B 118 0.91 10.73 1.03
N LEU B 119 1.06 11.87 0.37
CA LEU B 119 2.10 12.83 0.70
C LEU B 119 1.49 14.13 1.16
N LYS B 120 2.18 14.82 2.06
CA LYS B 120 1.72 16.10 2.55
C LYS B 120 2.13 17.20 1.58
N TRP B 121 1.14 17.97 1.14
CA TRP B 121 1.41 19.08 0.24
C TRP B 121 2.06 20.20 1.06
N GLN B 122 2.98 20.92 0.44
CA GLN B 122 3.73 21.98 1.13
C GLN B 122 3.44 23.32 0.45
N THR B 123 2.44 24.03 0.96
CA THR B 123 2.00 25.27 0.33
C THR B 123 3.10 26.34 0.31
N ASP B 124 3.91 26.39 1.36
CA ASP B 124 4.94 27.43 1.41
CA ASP B 124 4.99 27.38 1.48
C ASP B 124 6.03 27.19 0.38
N LYS B 125 6.13 25.97 -0.14
CA LYS B 125 7.14 25.66 -1.15
C LYS B 125 6.59 25.64 -2.56
N TRP B 126 5.38 25.09 -2.72
CA TRP B 126 4.89 24.74 -4.04
C TRP B 126 3.65 25.51 -4.44
N GLY B 127 3.21 26.42 -3.58
CA GLY B 127 2.04 27.20 -3.89
C GLY B 127 0.75 26.45 -3.60
N GLU B 128 -0.32 26.85 -4.27
CA GLU B 128 -1.66 26.34 -3.97
C GLU B 128 -1.81 24.89 -4.36
N ILE B 129 -2.49 24.10 -3.53
CA ILE B 129 -2.73 22.74 -3.95
C ILE B 129 -3.57 22.84 -5.21
N LYS B 130 -3.14 22.14 -6.25
CA LYS B 130 -3.64 22.34 -7.61
C LYS B 130 -5.17 22.41 -7.64
N ALA B 131 -5.69 23.40 -8.36
CA ALA B 131 -7.12 23.69 -8.36
C ALA B 131 -7.89 22.76 -9.29
P UCL C 7 24.79 6.61 -16.48
O1P UCL C 7 24.14 7.01 -17.77
O2P UCL C 7 26.08 5.83 -16.48
O5' UCL C 7 24.95 7.95 -15.57
C5' UCL C 7 23.80 8.78 -15.46
C4' UCL C 7 23.89 9.85 -14.37
O4' UCL C 7 23.99 9.29 -13.05
C3' UCL C 7 25.06 10.82 -14.53
O3' UCL C 7 24.46 12.08 -14.84
C2' UCL C 7 25.72 10.87 -13.16
C1' UCL C 7 24.71 10.22 -12.23
N1 UCL C 7 25.30 9.50 -11.10
C2 UCL C 7 25.13 9.99 -9.79
O2 UCL C 7 24.51 11.06 -9.60
N3 UCL C 7 25.64 9.35 -8.72
C4 UCL C 7 26.30 8.20 -8.88
O4 UCL C 7 26.78 7.60 -7.88
C5 UCL C 7 26.47 7.66 -10.24
C6 UCL C 7 25.94 8.35 -11.33
CL UCL C 7 27.33 6.17 -10.51
P UCL C 8 25.37 13.38 -15.15
O1P UCL C 8 26.73 12.91 -15.58
O2P UCL C 8 24.55 14.28 -16.06
O5' UCL C 8 25.48 14.13 -13.73
C5' UCL C 8 24.27 14.51 -13.06
C4' UCL C 8 24.58 15.09 -11.69
O4' UCL C 8 24.99 14.07 -10.78
C3' UCL C 8 25.65 16.17 -11.70
O3' UCL C 8 25.04 17.32 -11.14
C2' UCL C 8 26.77 15.63 -10.81
C1' UCL C 8 26.09 14.52 -10.00
N1 UCL C 8 26.94 13.36 -9.73
C2 UCL C 8 27.17 12.99 -8.38
O2 UCL C 8 26.69 13.69 -7.46
N3 UCL C 8 27.92 11.92 -8.07
C4 UCL C 8 28.45 11.16 -9.05
O4 UCL C 8 29.14 10.16 -8.77
C5 UCL C 8 28.21 11.53 -10.47
C6 UCL C 8 27.43 12.64 -10.74
CL UCL C 8 28.87 10.58 -11.76
P UCL D 7 20.59 15.52 -0.99
O1P UCL D 7 20.12 16.94 -0.78
O2P UCL D 7 20.00 14.40 -0.16
O5' UCL D 7 20.42 15.19 -2.55
C5' UCL D 7 21.10 16.02 -3.49
C4' UCL D 7 20.96 15.46 -4.89
O4' UCL D 7 21.64 14.21 -5.06
C3' UCL D 7 19.51 15.24 -5.28
O3' UCL D 7 19.25 16.16 -6.36
C2' UCL D 7 19.42 13.79 -5.74
C1' UCL D 7 20.87 13.34 -5.89
N1 UCL D 7 21.12 11.95 -5.49
C2 UCL D 7 21.51 11.00 -6.47
O2 UCL D 7 21.59 11.34 -7.66
N3 UCL D 7 21.76 9.72 -6.13
C4 UCL D 7 21.67 9.33 -4.87
O4 UCL D 7 21.92 8.14 -4.56
C5 UCL D 7 21.29 10.31 -3.81
C6 UCL D 7 21.02 11.61 -4.19
CL UCL D 7 21.16 9.81 -2.16
P UCL D 8 17.81 16.22 -7.06
O1P UCL D 8 17.73 17.53 -7.80
O2P UCL D 8 16.76 15.87 -6.03
O5' UCL D 8 17.87 15.06 -8.17
C5' UCL D 8 18.84 15.15 -9.21
C4' UCL D 8 18.73 13.94 -10.13
O4' UCL D 8 19.19 12.74 -9.49
C3' UCL D 8 17.30 13.69 -10.59
O3' UCL D 8 17.38 13.62 -12.01
C2' UCL D 8 16.92 12.33 -10.00
C1' UCL D 8 18.27 11.68 -9.72
N1 UCL D 8 18.32 10.76 -8.56
C2 UCL D 8 18.85 9.48 -8.75
O2 UCL D 8 19.22 9.13 -9.91
N3 UCL D 8 18.95 8.60 -7.74
C4 UCL D 8 18.55 8.94 -6.51
O4 UCL D 8 18.65 8.14 -5.56
C5 UCL D 8 18.01 10.29 -6.28
C6 UCL D 8 17.91 11.18 -7.34
CL UCL D 8 17.49 10.74 -4.68
P UCL E 7 5.05 20.46 25.72
O1P UCL E 7 5.71 21.82 25.80
O2P UCL E 7 5.90 19.21 25.63
O5' UCL E 7 4.03 20.34 26.96
C5' UCL E 7 3.24 21.49 27.24
C4' UCL E 7 1.97 21.22 28.04
O4' UCL E 7 1.18 20.13 27.53
C3' UCL E 7 2.20 20.93 29.52
O3' UCL E 7 1.82 22.12 30.22
C2' UCL E 7 1.23 19.80 29.87
C1' UCL E 7 0.38 19.66 28.61
N1 UCL E 7 -0.07 18.29 28.34
C2 UCL E 7 -1.37 17.87 28.68
O2 UCL E 7 -2.16 18.67 29.24
N3 UCL E 7 -1.80 16.62 28.42
C4 UCL E 7 -0.98 15.75 27.82
O4 UCL E 7 -1.38 14.59 27.58
C5 UCL E 7 0.39 16.17 27.46
C6 UCL E 7 0.80 17.47 27.74
CL UCL E 7 1.50 15.08 26.69
P UCL E 8 2.29 22.37 31.74
O1P UCL E 8 2.21 23.86 31.99
O2P UCL E 8 3.59 21.63 31.93
O5' UCL E 8 1.15 21.67 32.62
C5' UCL E 8 0.00 22.44 32.99
C4' UCL E 8 -1.19 21.58 33.43
O4' UCL E 8 -1.38 20.45 32.57
C3' UCL E 8 -1.04 21.02 34.85
O3' UCL E 8 -1.93 21.71 35.71
C2' UCL E 8 -1.43 19.55 34.75
C1' UCL E 8 -1.94 19.38 33.32
N1 UCL E 8 -1.57 18.10 32.73
C2 UCL E 8 -2.52 17.06 32.64
O2 UCL E 8 -3.67 17.24 33.10
N3 UCL E 8 -2.23 15.87 32.09
C4 UCL E 8 -1.00 15.65 31.59
O4 UCL E 8 -0.73 14.54 31.08
C5 UCL E 8 0.02 16.73 31.66
C6 UCL E 8 -0.33 17.95 32.25
CL UCL E 8 1.62 16.49 31.04
P UCL F 7 -12.61 18.56 31.60
O1P UCL F 7 -13.04 18.14 30.22
O2P UCL F 7 -13.66 19.09 32.55
O5' UCL F 7 -11.47 19.69 31.46
C5' UCL F 7 -10.20 19.37 32.03
C4' UCL F 7 -9.13 20.34 31.60
O4' UCL F 7 -8.19 19.67 30.75
C3' UCL F 7 -9.65 21.51 30.79
O3' UCL F 7 -8.70 22.50 31.16
C2' UCL F 7 -9.40 21.13 29.35
C1' UCL F 7 -8.12 20.33 29.48
N1 UCL F 7 -7.94 19.31 28.44
C2 UCL F 7 -6.67 19.21 27.83
O2 UCL F 7 -5.76 20.00 28.17
N3 UCL F 7 -6.43 18.30 26.87
C4 UCL F 7 -7.39 17.46 26.48
O4 UCL F 7 -7.15 16.61 25.60
C5 UCL F 7 -8.73 17.55 27.13
C6 UCL F 7 -8.94 18.50 28.11
CL UCL F 7 -10.02 16.47 26.67
P UCL F 8 -8.92 24.05 30.81
O1P UCL F 8 -8.74 24.79 32.10
O2P UCL F 8 -10.18 24.20 30.00
O5' UCL F 8 -7.63 24.37 29.88
C5' UCL F 8 -6.38 23.86 30.31
C4' UCL F 8 -5.38 23.95 29.18
O4' UCL F 8 -5.46 22.83 28.29
C3' UCL F 8 -5.59 25.21 28.36
O3' UCL F 8 -4.34 25.87 28.44
C2' UCL F 8 -5.88 24.72 26.94
C1' UCL F 8 -5.36 23.29 26.94
N1 UCL F 8 -6.08 22.35 26.07
C2 UCL F 8 -5.35 21.65 25.07
O2 UCL F 8 -4.13 21.87 24.95
N3 UCL F 8 -5.96 20.77 24.26
C4 UCL F 8 -7.26 20.52 24.39
O4 UCL F 8 -7.82 19.69 23.63
C5 UCL F 8 -8.05 21.23 25.43
C6 UCL F 8 -7.40 22.14 26.26
CL UCL F 8 -9.75 20.93 25.62
MG MG G . 4.70 -6.96 -4.51
C1 GOL H . 1.36 5.68 2.04
O1 GOL H . 1.70 4.95 0.88
C2 GOL H . 2.66 5.88 2.82
O2 GOL H . 2.40 6.57 4.04
C3 GOL H . 3.65 6.68 1.98
O3 GOL H . 3.09 7.95 1.73
C1 GOL I . 12.25 -0.88 -9.69
O1 GOL I . 13.59 -0.71 -10.11
C2 GOL I . 12.20 -1.04 -8.18
O2 GOL I . 13.05 -2.12 -7.82
C3 GOL I . 10.78 -1.35 -7.73
O3 GOL I . 10.67 -1.23 -6.34
C1 EDO J . -9.83 26.43 18.91
O1 EDO J . -10.36 25.10 19.04
C2 EDO J . -8.59 26.59 19.79
O2 EDO J . -8.61 25.60 20.84
MG MG K . -14.82 23.20 18.99
C1 EDO L . -4.69 31.41 15.16
O1 EDO L . -4.12 31.74 13.89
C2 EDO L . -6.10 30.90 14.97
O2 EDO L . -6.34 30.61 13.57
#